data_3D6W
#
_entry.id   3D6W
#
_cell.length_a   88.784
_cell.length_b   88.784
_cell.length_c   74.425
_cell.angle_alpha   90.000
_cell.angle_beta   90.000
_cell.angle_gamma   90.000
#
_symmetry.space_group_name_H-M   'P 42 2 2'
#
loop_
_entity.id
_entity.type
_entity.pdbx_description
1 polymer 'Methyl-accepting/DNA response regulator'
2 non-polymer 'MAGNESIUM ION'
3 non-polymer 1,2-ETHANEDIOL
4 non-polymer 'FORMIC ACID'
5 water water
#
_entity_poly.entity_id   1
_entity_poly.type   'polypeptide(L)'
_entity_poly.pdbx_seq_one_letter_code
;GKSVVTLKTTDGWIPVPFSKV(MSE)YLEAKDKKTYVNAEELTGTHKYSLQEFEYLLPKDSFIRCHRSFIVNVNHIKAIY
PDTHSTFLLS(MSE)DNGERVPVSQSYASYFRKLLGFGS
;
_entity_poly.pdbx_strand_id   A,B
#
# COMPACT_ATOMS: atom_id res chain seq x y z
N GLY A 1 17.85 1.63 -1.20
CA GLY A 1 16.97 0.56 -0.60
C GLY A 1 17.27 -0.83 -1.14
N LYS A 2 16.55 -1.19 -2.20
CA LYS A 2 16.67 -2.49 -2.85
C LYS A 2 16.45 -2.30 -4.38
N SER A 3 17.03 -3.17 -5.21
CA SER A 3 17.02 -2.92 -6.66
C SER A 3 16.87 -4.14 -7.54
N VAL A 4 16.77 -5.31 -6.93
CA VAL A 4 16.52 -6.57 -7.61
C VAL A 4 15.45 -7.36 -6.90
N VAL A 5 14.69 -8.12 -7.67
CA VAL A 5 13.77 -9.14 -7.18
C VAL A 5 14.32 -10.51 -7.64
N THR A 6 14.39 -11.47 -6.70
CA THR A 6 14.90 -12.82 -6.98
C THR A 6 13.69 -13.69 -7.27
N LEU A 7 13.57 -14.08 -8.53
CA LEU A 7 12.55 -15.03 -8.98
C LEU A 7 13.08 -16.46 -8.83
N LYS A 8 12.22 -17.36 -8.39
CA LYS A 8 12.54 -18.80 -8.31
C LYS A 8 12.27 -19.42 -9.65
N THR A 9 13.32 -20.01 -10.25
CA THR A 9 13.17 -20.89 -11.44
C THR A 9 13.26 -22.36 -11.04
N THR A 10 13.10 -23.23 -12.03
CA THR A 10 13.01 -24.68 -11.82
C THR A 10 14.24 -25.22 -11.04
N ASP A 11 15.43 -24.80 -11.46
CA ASP A 11 16.69 -25.28 -10.87
C ASP A 11 17.39 -24.27 -9.93
N GLY A 12 17.31 -22.97 -10.27
CA GLY A 12 18.01 -21.91 -9.50
C GLY A 12 17.15 -20.68 -9.29
N TRP A 13 17.76 -19.58 -8.86
CA TRP A 13 17.05 -18.27 -8.71
C TRP A 13 17.74 -17.19 -9.52
N ILE A 14 16.95 -16.27 -10.04
CA ILE A 14 17.45 -15.29 -10.98
C ILE A 14 17.14 -13.91 -10.44
N PRO A 15 18.19 -13.14 -10.04
CA PRO A 15 18.02 -11.73 -9.70
C PRO A 15 17.66 -10.91 -10.94
N VAL A 16 16.57 -10.15 -10.84
CA VAL A 16 16.09 -9.29 -11.93
C VAL A 16 16.01 -7.85 -11.37
N PRO A 17 16.52 -6.85 -12.08
CA PRO A 17 16.35 -5.48 -11.63
C PRO A 17 14.90 -5.05 -11.65
N PHE A 18 14.51 -4.18 -10.75
CA PHE A 18 13.13 -3.68 -10.72
C PHE A 18 12.69 -3.15 -12.08
N SER A 19 13.63 -2.54 -12.79
CA SER A 19 13.38 -1.92 -14.08
C SER A 19 12.90 -2.93 -15.17
N LYS A 20 13.22 -4.20 -14.98
CA LYS A 20 12.86 -5.24 -15.89
C LYS A 20 11.61 -6.01 -15.46
N VAL A 21 11.07 -5.69 -14.30
CA VAL A 21 9.78 -6.27 -13.87
C VAL A 21 8.62 -5.52 -14.54
N TYR A 23 5.14 -6.73 -14.45
CA TYR A 23 4.01 -6.86 -13.53
C TYR A 23 4.21 -8.07 -12.57
N LEU A 24 3.41 -8.08 -11.51
CA LEU A 24 3.41 -9.17 -10.55
C LEU A 24 1.97 -9.64 -10.52
N GLU A 25 1.79 -10.95 -10.39
CA GLU A 25 0.45 -11.52 -10.37
C GLU A 25 0.26 -12.52 -9.22
N ALA A 26 -0.78 -12.29 -8.42
CA ALA A 26 -1.26 -13.30 -7.44
C ALA A 26 -2.16 -14.30 -8.17
N LYS A 27 -1.73 -15.54 -8.13
CA LYS A 27 -2.40 -16.59 -8.89
C LYS A 27 -2.10 -17.93 -8.24
N ASP A 28 -3.14 -18.74 -8.10
CA ASP A 28 -3.01 -20.09 -7.56
C ASP A 28 -2.19 -20.09 -6.22
N LYS A 29 -2.43 -19.05 -5.37
CA LYS A 29 -1.83 -18.87 -4.01
C LYS A 29 -0.34 -18.49 -3.95
N LYS A 30 0.22 -18.10 -5.09
CA LYS A 30 1.64 -17.67 -5.19
C LYS A 30 1.73 -16.32 -5.84
N THR A 31 2.88 -15.67 -5.68
CA THR A 31 3.19 -14.45 -6.45
C THR A 31 4.10 -14.76 -7.62
N TYR A 32 3.66 -14.37 -8.81
CA TYR A 32 4.46 -14.55 -10.01
C TYR A 32 4.99 -13.19 -10.37
N VAL A 33 6.30 -13.10 -10.47
CA VAL A 33 7.00 -11.93 -10.94
C VAL A 33 7.29 -12.13 -12.44
N ASN A 34 6.63 -11.33 -13.26
CA ASN A 34 6.76 -11.32 -14.71
C ASN A 34 7.74 -10.25 -15.18
N ALA A 35 8.96 -10.69 -15.52
CA ALA A 35 10.05 -9.85 -15.99
C ALA A 35 10.16 -9.98 -17.51
N GLU A 36 10.93 -9.12 -18.12
CA GLU A 36 10.89 -9.01 -19.57
C GLU A 36 11.24 -10.32 -20.27
N GLU A 37 12.21 -11.05 -19.72
CA GLU A 37 12.74 -12.26 -20.32
C GLU A 37 12.39 -13.52 -19.55
N LEU A 38 11.88 -13.42 -18.32
CA LEU A 38 11.43 -14.63 -17.62
C LEU A 38 10.38 -14.37 -16.55
N THR A 39 9.79 -15.47 -16.06
CA THR A 39 8.80 -15.43 -15.04
C THR A 39 9.16 -16.38 -13.94
N GLY A 40 8.80 -16.03 -12.73
CA GLY A 40 9.24 -16.82 -11.62
C GLY A 40 8.41 -16.47 -10.41
N THR A 41 8.69 -17.20 -9.36
CA THR A 41 7.88 -17.23 -8.17
C THR A 41 8.63 -16.41 -7.11
N HIS A 42 7.87 -15.75 -6.24
CA HIS A 42 8.41 -15.06 -5.12
C HIS A 42 7.57 -15.37 -3.91
N LYS A 43 8.19 -15.40 -2.74
CA LYS A 43 7.47 -15.70 -1.51
C LYS A 43 6.66 -14.54 -0.93
N TYR A 44 6.95 -13.32 -1.31
CA TYR A 44 6.22 -12.17 -0.73
C TYR A 44 4.89 -12.00 -1.39
N SER A 45 3.97 -11.43 -0.65
CA SER A 45 2.60 -11.24 -1.11
C SER A 45 2.61 -9.92 -1.86
N LEU A 46 1.50 -9.63 -2.53
CA LEU A 46 1.37 -8.38 -3.27
C LEU A 46 1.32 -7.21 -2.31
N GLN A 47 0.82 -7.48 -1.11
CA GLN A 47 0.80 -6.48 -0.06
C GLN A 47 2.24 -6.11 0.35
N GLU A 48 3.08 -7.13 0.56
CA GLU A 48 4.49 -6.90 0.88
C GLU A 48 5.24 -6.19 -0.24
N PHE A 49 5.06 -6.65 -1.46
CA PHE A 49 5.64 -5.94 -2.61
C PHE A 49 5.19 -4.49 -2.72
N GLU A 50 3.96 -4.15 -2.36
CA GLU A 50 3.54 -2.76 -2.40
C GLU A 50 4.38 -1.85 -1.49
N TYR A 51 4.81 -2.40 -0.37
CA TYR A 51 5.66 -1.71 0.53
C TYR A 51 7.06 -1.54 -0.09
N LEU A 52 7.58 -2.57 -0.73
CA LEU A 52 8.99 -2.57 -1.08
C LEU A 52 9.35 -2.03 -2.47
N LEU A 53 8.37 -2.03 -3.35
CA LEU A 53 8.58 -1.59 -4.71
C LEU A 53 8.42 -0.10 -4.76
N PRO A 54 9.23 0.57 -5.59
CA PRO A 54 9.20 2.03 -5.70
C PRO A 54 7.85 2.57 -6.17
N LYS A 55 7.29 3.49 -5.41
CA LYS A 55 5.91 3.90 -5.60
C LYS A 55 5.79 4.81 -6.85
N ASP A 56 6.93 5.27 -7.36
CA ASP A 56 6.95 6.06 -8.61
C ASP A 56 6.76 5.23 -9.91
N SER A 57 6.93 3.91 -9.79
CA SER A 57 6.94 3.00 -10.93
C SER A 57 5.88 1.93 -10.87
N PHE A 58 5.63 1.43 -9.67
CA PHE A 58 4.74 0.29 -9.44
C PHE A 58 3.42 0.74 -8.83
N ILE A 59 2.32 0.17 -9.32
CA ILE A 59 0.99 0.43 -8.74
C ILE A 59 0.14 -0.83 -8.68
N ARG A 60 -0.39 -1.13 -7.50
CA ARG A 60 -1.51 -2.04 -7.37
C ARG A 60 -2.73 -1.54 -8.15
N CYS A 61 -3.14 -2.35 -9.13
CA CYS A 61 -4.24 -1.99 -10.02
C CYS A 61 -5.41 -2.98 -10.00
N HIS A 62 -5.29 -4.01 -9.18
CA HIS A 62 -6.23 -5.12 -9.15
C HIS A 62 -5.81 -5.91 -7.94
N ARG A 63 -6.74 -6.61 -7.27
CA ARG A 63 -6.42 -7.45 -6.09
C ARG A 63 -5.40 -8.52 -6.38
N SER A 64 -5.21 -8.83 -7.64
CA SER A 64 -4.29 -9.88 -8.08
C SER A 64 -3.06 -9.37 -8.89
N PHE A 65 -2.94 -8.05 -9.12
CA PHE A 65 -1.86 -7.48 -9.95
C PHE A 65 -1.22 -6.25 -9.40
N ILE A 66 0.12 -6.23 -9.47
CA ILE A 66 0.88 -4.99 -9.42
C ILE A 66 1.54 -4.76 -10.80
N VAL A 67 1.35 -3.57 -11.37
CA VAL A 67 1.93 -3.24 -12.66
C VAL A 67 3.09 -2.22 -12.54
N ASN A 68 4.07 -2.37 -13.43
CA ASN A 68 5.12 -1.34 -13.62
C ASN A 68 4.66 -0.39 -14.72
N VAL A 69 4.39 0.86 -14.37
CA VAL A 69 3.87 1.85 -15.32
C VAL A 69 4.87 2.10 -16.45
N ASN A 70 6.15 1.72 -16.25
CA ASN A 70 7.13 1.92 -17.31
C ASN A 70 7.10 0.89 -18.41
N HIS A 71 6.36 -0.20 -18.17
CA HIS A 71 6.10 -1.19 -19.21
C HIS A 71 4.73 -1.09 -19.78
N ILE A 72 3.94 -0.13 -19.34
CA ILE A 72 2.62 0.10 -19.93
C ILE A 72 2.82 0.77 -21.27
N LYS A 73 2.20 0.20 -22.30
CA LYS A 73 2.16 0.86 -23.60
C LYS A 73 0.94 1.83 -23.71
N ALA A 74 -0.25 1.36 -23.36
CA ALA A 74 -1.47 2.16 -23.48
C ALA A 74 -2.48 1.70 -22.44
N ILE A 75 -3.31 2.65 -22.00
CA ILE A 75 -4.39 2.45 -21.06
C ILE A 75 -5.71 2.68 -21.83
N TYR A 76 -6.58 1.67 -21.79
CA TYR A 76 -7.89 1.67 -22.48
C TYR A 76 -9.00 1.62 -21.50
N PRO A 77 -10.04 2.42 -21.73
CA PRO A 77 -11.24 2.23 -20.91
C PRO A 77 -12.05 1.10 -21.52
N ASP A 78 -11.83 -0.13 -21.09
CA ASP A 78 -12.36 -1.30 -21.83
C ASP A 78 -13.87 -1.44 -21.58
N THR A 79 -14.31 -0.97 -20.42
CA THR A 79 -15.70 -0.88 -20.05
C THR A 79 -15.87 0.44 -19.30
N HIS A 80 -17.07 0.71 -18.81
CA HIS A 80 -17.34 2.00 -18.18
C HIS A 80 -16.74 2.07 -16.78
N SER A 81 -16.48 0.91 -16.15
CA SER A 81 -15.96 0.86 -14.75
C SER A 81 -14.47 0.40 -14.58
N THR A 82 -13.85 -0.14 -15.62
CA THR A 82 -12.51 -0.73 -15.55
C THR A 82 -11.59 -0.13 -16.64
N PHE A 83 -10.28 -0.42 -16.51
CA PHE A 83 -9.30 -0.22 -17.60
C PHE A 83 -8.65 -1.53 -17.97
N LEU A 84 -8.06 -1.54 -19.14
CA LEU A 84 -7.28 -2.65 -19.58
C LEU A 84 -5.98 -2.04 -20.02
N LEU A 85 -4.87 -2.63 -19.55
CA LEU A 85 -3.54 -2.12 -19.83
C LEU A 85 -2.92 -2.96 -20.92
N SER A 86 -2.50 -2.30 -21.97
CA SER A 86 -1.70 -2.89 -23.02
C SER A 86 -0.25 -2.76 -22.62
N ASP A 88 3.98 -3.43 -23.12
CA ASP A 88 4.92 -3.29 -24.19
C ASP A 88 5.21 -4.60 -24.92
N ASN A 89 5.28 -5.72 -24.21
CA ASN A 89 5.49 -7.02 -24.83
C ASN A 89 4.21 -7.68 -25.45
N GLY A 90 3.09 -6.98 -25.53
CA GLY A 90 1.83 -7.51 -26.06
C GLY A 90 0.86 -8.07 -25.04
N GLU A 91 1.26 -8.14 -23.76
CA GLU A 91 0.34 -8.75 -22.78
C GLU A 91 -0.69 -7.73 -22.39
N ARG A 92 -1.72 -8.15 -21.67
CA ARG A 92 -2.69 -7.19 -21.11
C ARG A 92 -2.88 -7.46 -19.63
N VAL A 93 -3.24 -6.42 -18.92
CA VAL A 93 -3.44 -6.49 -17.47
C VAL A 93 -4.68 -5.70 -17.15
N PRO A 94 -5.60 -6.28 -16.35
CA PRO A 94 -6.76 -5.51 -15.96
C PRO A 94 -6.58 -4.55 -14.77
N VAL A 95 -7.24 -3.40 -14.85
CA VAL A 95 -7.47 -2.55 -13.69
C VAL A 95 -8.95 -2.76 -13.31
N SER A 96 -9.18 -3.33 -12.12
CA SER A 96 -10.51 -3.65 -11.71
C SER A 96 -11.27 -2.40 -11.32
N GLN A 97 -12.59 -2.54 -11.34
CA GLN A 97 -13.52 -1.51 -10.89
C GLN A 97 -13.18 -0.94 -9.52
N SER A 98 -12.64 -1.78 -8.64
CA SER A 98 -12.44 -1.37 -7.29
C SER A 98 -11.13 -0.58 -7.11
N TYR A 99 -10.19 -0.78 -8.02
CA TYR A 99 -8.94 -0.02 -8.08
C TYR A 99 -8.92 1.11 -9.12
N ALA A 100 -9.95 1.19 -9.96
CA ALA A 100 -9.90 2.08 -11.11
C ALA A 100 -9.71 3.56 -10.72
N SER A 101 -10.34 4.03 -9.61
CA SER A 101 -10.16 5.46 -9.20
C SER A 101 -8.80 5.77 -8.66
N TYR A 102 -8.30 4.88 -7.81
CA TYR A 102 -6.95 4.97 -7.26
C TYR A 102 -5.98 4.95 -8.41
N PHE A 103 -6.15 4.01 -9.34
CA PHE A 103 -5.25 3.94 -10.47
C PHE A 103 -5.20 5.26 -11.24
N ARG A 104 -6.33 5.79 -11.68
CA ARG A 104 -6.30 6.99 -12.51
C ARG A 104 -5.87 8.25 -11.75
N LYS A 105 -6.20 8.31 -10.46
CA LYS A 105 -5.77 9.42 -9.60
C LYS A 105 -4.22 9.49 -9.48
N LEU A 106 -3.61 8.35 -9.19
CA LEU A 106 -2.16 8.24 -9.08
C LEU A 106 -1.45 8.53 -10.37
N LEU A 107 -2.07 8.19 -11.48
CA LEU A 107 -1.47 8.38 -12.80
C LEU A 107 -1.86 9.73 -13.43
N GLY A 108 -2.82 10.41 -12.82
CA GLY A 108 -3.16 11.77 -13.19
C GLY A 108 -4.00 11.97 -14.43
N PHE A 109 -4.99 11.08 -14.71
CA PHE A 109 -5.87 11.21 -15.90
C PHE A 109 -7.38 11.08 -15.66
N LYS B 2 5.50 16.39 -0.14
CA LYS B 2 4.52 16.98 0.86
C LYS B 2 5.04 16.87 2.31
N SER B 3 4.59 17.75 3.18
CA SER B 3 5.21 17.98 4.50
C SER B 3 4.13 17.96 5.60
N VAL B 4 2.98 18.53 5.26
CA VAL B 4 1.84 18.65 6.15
C VAL B 4 0.62 17.95 5.55
N VAL B 5 -0.36 17.68 6.39
CA VAL B 5 -1.69 17.21 5.98
C VAL B 5 -2.69 18.22 6.51
N THR B 6 -3.60 18.69 5.66
CA THR B 6 -4.58 19.73 6.02
C THR B 6 -5.90 19.08 6.47
N LEU B 7 -6.14 19.16 7.79
CA LEU B 7 -7.35 18.64 8.45
C LEU B 7 -8.50 19.66 8.33
N LYS B 8 -9.68 19.18 7.92
CA LYS B 8 -10.90 19.99 7.90
C LYS B 8 -11.51 20.09 9.29
N THR B 9 -11.87 21.32 9.62
CA THR B 9 -12.39 21.74 10.90
C THR B 9 -13.77 22.38 10.70
N THR B 10 -14.46 22.71 11.79
CA THR B 10 -15.77 23.36 11.66
C THR B 10 -15.71 24.77 11.02
N ASP B 11 -14.79 25.65 11.41
CA ASP B 11 -14.70 26.99 10.75
C ASP B 11 -13.70 27.10 9.57
N GLY B 12 -12.97 26.00 9.29
CA GLY B 12 -11.79 26.04 8.41
C GLY B 12 -10.93 24.78 8.34
N TRP B 13 -9.64 24.95 8.01
CA TRP B 13 -8.73 23.84 7.76
C TRP B 13 -7.47 24.09 8.56
N ILE B 14 -6.78 23.04 8.98
CA ILE B 14 -5.57 23.17 9.80
C ILE B 14 -4.45 22.25 9.26
N PRO B 15 -3.37 22.84 8.70
CA PRO B 15 -2.18 22.09 8.33
C PRO B 15 -1.48 21.52 9.55
N VAL B 16 -1.22 20.23 9.52
CA VAL B 16 -0.53 19.53 10.57
C VAL B 16 0.68 18.85 9.93
N PRO B 17 1.89 18.99 10.53
CA PRO B 17 3.02 18.21 9.99
C PRO B 17 2.83 16.69 10.20
N PHE B 18 3.39 15.88 9.32
CA PHE B 18 3.28 14.42 9.44
C PHE B 18 3.79 13.88 10.78
N SER B 19 4.86 14.47 11.27
CA SER B 19 5.36 14.15 12.60
C SER B 19 4.29 14.26 13.70
N LYS B 20 3.23 15.07 13.53
CA LYS B 20 2.23 15.25 14.61
C LYS B 20 0.96 14.43 14.44
N VAL B 21 0.91 13.66 13.36
CA VAL B 21 -0.20 12.75 13.10
C VAL B 21 0.07 11.43 13.81
N TYR B 23 -2.43 8.80 14.04
CA TYR B 23 -3.10 7.77 13.29
C TYR B 23 -4.23 8.36 12.46
N LEU B 24 -4.67 7.56 11.50
CA LEU B 24 -5.74 7.93 10.59
C LEU B 24 -6.73 6.80 10.64
N GLU B 25 -8.00 7.16 10.60
CA GLU B 25 -9.10 6.23 10.81
C GLU B 25 -10.16 6.40 9.75
N ALA B 26 -10.52 5.31 9.07
CA ALA B 26 -11.67 5.29 8.16
C ALA B 26 -12.93 5.07 8.97
N LYS B 27 -13.93 5.90 8.72
CA LYS B 27 -15.15 5.82 9.50
C LYS B 27 -16.21 6.44 8.62
N ASP B 28 -17.31 5.73 8.38
CA ASP B 28 -18.46 6.35 7.71
C ASP B 28 -18.08 7.04 6.39
N LYS B 29 -17.29 6.41 5.53
CA LYS B 29 -17.03 7.02 4.21
C LYS B 29 -16.13 8.28 4.28
N LYS B 30 -15.37 8.40 5.37
CA LYS B 30 -14.61 9.59 5.68
C LYS B 30 -13.31 9.14 6.35
N THR B 31 -12.24 9.88 6.11
CA THR B 31 -10.97 9.66 6.80
C THR B 31 -10.83 10.70 7.89
N TYR B 32 -10.56 10.24 9.11
CA TYR B 32 -10.23 11.11 10.25
C TYR B 32 -8.72 11.06 10.57
N VAL B 33 -8.08 12.22 10.42
CA VAL B 33 -6.70 12.39 10.79
C VAL B 33 -6.66 12.86 12.27
N ASN B 34 -6.06 12.01 13.11
CA ASN B 34 -5.93 12.27 14.53
C ASN B 34 -4.55 12.74 14.87
N ALA B 35 -4.42 14.04 15.07
CA ALA B 35 -3.14 14.66 15.44
C ALA B 35 -3.14 14.91 16.95
N GLU B 36 -2.01 15.33 17.45
CA GLU B 36 -1.84 15.46 18.90
C GLU B 36 -2.85 16.46 19.47
N GLU B 37 -2.88 17.65 18.87
CA GLU B 37 -3.69 18.75 19.35
C GLU B 37 -5.12 18.70 18.81
N LEU B 38 -5.35 18.02 17.68
CA LEU B 38 -6.69 18.01 17.07
C LEU B 38 -6.94 16.82 16.15
N THR B 39 -8.22 16.60 15.88
CA THR B 39 -8.72 15.65 14.89
C THR B 39 -9.60 16.40 13.86
N GLY B 40 -9.48 16.04 12.59
CA GLY B 40 -10.27 16.64 11.53
C GLY B 40 -10.38 15.62 10.42
N THR B 41 -11.23 15.92 9.42
CA THR B 41 -11.43 15.02 8.30
C THR B 41 -10.55 15.36 7.10
N HIS B 42 -10.42 14.38 6.21
CA HIS B 42 -9.66 14.58 5.00
C HIS B 42 -10.36 13.81 3.89
N LYS B 43 -10.24 14.33 2.67
CA LYS B 43 -10.93 13.77 1.52
C LYS B 43 -10.26 12.50 0.96
N TYR B 44 -8.99 12.26 1.26
CA TYR B 44 -8.28 11.09 0.76
C TYR B 44 -8.66 9.85 1.56
N SER B 45 -8.75 8.71 0.86
CA SER B 45 -8.92 7.40 1.49
C SER B 45 -7.65 6.89 2.16
N LEU B 46 -7.78 5.86 3.00
CA LEU B 46 -6.61 5.28 3.65
C LEU B 46 -5.62 4.71 2.63
N GLN B 47 -6.14 4.07 1.59
CA GLN B 47 -5.33 3.60 0.49
C GLN B 47 -4.55 4.71 -0.24
N GLU B 48 -5.16 5.85 -0.45
CA GLU B 48 -4.45 7.00 -1.01
C GLU B 48 -3.34 7.52 -0.10
N PHE B 49 -3.63 7.62 1.19
CA PHE B 49 -2.65 7.99 2.20
C PHE B 49 -1.47 7.04 2.39
N GLU B 50 -1.66 5.75 2.15
CA GLU B 50 -0.54 4.78 2.13
C GLU B 50 0.46 5.06 1.05
N TYR B 51 -0.02 5.56 -0.06
CA TYR B 51 0.82 5.98 -1.16
C TYR B 51 1.64 7.20 -0.74
N LEU B 52 0.98 8.16 -0.15
CA LEU B 52 1.59 9.44 0.10
C LEU B 52 2.26 9.66 1.42
N LEU B 53 2.01 8.84 2.42
CA LEU B 53 2.70 8.96 3.69
C LEU B 53 4.03 8.20 3.72
N PRO B 54 5.03 8.74 4.42
CA PRO B 54 6.31 8.05 4.53
C PRO B 54 6.20 6.62 5.08
N LYS B 55 6.67 5.66 4.30
CA LYS B 55 6.65 4.22 4.58
C LYS B 55 7.50 3.82 5.77
N ASP B 56 8.49 4.65 6.12
CA ASP B 56 9.30 4.42 7.31
C ASP B 56 8.59 4.73 8.63
N SER B 57 7.46 5.42 8.54
CA SER B 57 6.81 5.99 9.71
C SER B 57 5.39 5.56 9.85
N PHE B 58 4.71 5.38 8.72
CA PHE B 58 3.28 5.08 8.69
C PHE B 58 3.06 3.69 8.16
N ILE B 59 2.11 3.00 8.75
CA ILE B 59 1.78 1.68 8.32
C ILE B 59 0.28 1.37 8.51
N ARG B 60 -0.33 0.83 7.46
CA ARG B 60 -1.69 0.32 7.50
C ARG B 60 -1.67 -0.97 8.32
N CYS B 61 -2.43 -0.98 9.40
CA CYS B 61 -2.44 -2.07 10.36
C CYS B 61 -3.82 -2.68 10.59
N HIS B 62 -4.83 -2.18 9.88
CA HIS B 62 -6.20 -2.57 10.05
C HIS B 62 -6.92 -2.03 8.81
N ARG B 63 -8.01 -2.63 8.33
CA ARG B 63 -8.75 -1.98 7.21
C ARG B 63 -9.23 -0.54 7.51
N SER B 64 -9.34 -0.19 8.79
CA SER B 64 -9.79 1.14 9.22
C SER B 64 -8.69 2.07 9.77
N PHE B 65 -7.46 1.58 9.91
CA PHE B 65 -6.38 2.40 10.50
C PHE B 65 -5.05 2.34 9.80
N ILE B 66 -4.42 3.51 9.77
CA ILE B 66 -2.99 3.68 9.55
C ILE B 66 -2.44 4.33 10.79
N VAL B 67 -1.34 3.78 11.29
CA VAL B 67 -0.74 4.30 12.52
C VAL B 67 0.63 4.91 12.22
N ASN B 68 0.96 5.98 12.93
CA ASN B 68 2.31 6.46 12.97
C ASN B 68 3.12 5.72 14.05
N VAL B 69 4.10 4.93 13.60
CA VAL B 69 4.91 4.13 14.53
C VAL B 69 5.67 4.96 15.57
N ASN B 70 5.87 6.23 15.30
CA ASN B 70 6.58 7.11 16.21
C ASN B 70 5.70 7.61 17.39
N HIS B 71 4.40 7.32 17.34
CA HIS B 71 3.48 7.64 18.40
C HIS B 71 2.96 6.38 19.12
N ILE B 72 3.48 5.21 18.75
CA ILE B 72 3.19 3.95 19.45
C ILE B 72 4.06 3.89 20.66
N LYS B 73 3.42 3.72 21.82
CA LYS B 73 4.12 3.67 23.10
C LYS B 73 4.62 2.24 23.38
N ALA B 74 3.71 1.28 23.24
CA ALA B 74 4.04 -0.14 23.29
C ALA B 74 3.05 -0.96 22.45
N ILE B 75 3.47 -2.18 22.09
CA ILE B 75 2.74 -3.12 21.25
C ILE B 75 2.52 -4.34 22.13
N TYR B 76 1.26 -4.75 22.27
CA TYR B 76 0.90 -5.90 23.12
C TYR B 76 0.12 -6.89 22.29
N PRO B 77 0.43 -8.19 22.44
CA PRO B 77 -0.46 -9.17 21.81
C PRO B 77 -1.73 -9.30 22.66
N ASP B 78 -2.89 -9.06 22.08
CA ASP B 78 -4.16 -9.22 22.83
C ASP B 78 -4.99 -10.40 22.34
N THR B 79 -4.47 -11.14 21.37
CA THR B 79 -5.16 -12.34 20.92
C THR B 79 -4.26 -13.19 20.07
N HIS B 80 -4.69 -14.42 19.83
CA HIS B 80 -3.98 -15.34 18.95
C HIS B 80 -3.47 -14.62 17.67
N SER B 81 -4.34 -13.85 17.03
CA SER B 81 -4.08 -13.37 15.69
C SER B 81 -3.98 -11.84 15.55
N THR B 82 -3.51 -11.17 16.59
CA THR B 82 -3.86 -9.76 16.80
C THR B 82 -2.88 -9.03 17.69
N PHE B 83 -2.66 -7.73 17.44
CA PHE B 83 -1.96 -6.86 18.38
C PHE B 83 -2.82 -5.68 18.76
N LEU B 84 -2.43 -5.04 19.86
CA LEU B 84 -3.06 -3.83 20.33
C LEU B 84 -1.98 -2.76 20.67
N LEU B 85 -2.16 -1.56 20.13
CA LEU B 85 -1.11 -0.57 20.16
C LEU B 85 -1.50 0.47 21.21
N SER B 86 -0.64 0.64 22.20
CA SER B 86 -0.82 1.67 23.20
C SER B 86 -0.13 2.88 22.65
N ASP B 88 1.10 6.95 22.61
CA ASP B 88 1.67 7.93 23.52
C ASP B 88 0.61 8.70 24.31
N ASN B 89 -0.41 9.23 23.63
CA ASN B 89 -1.47 9.96 24.31
C ASN B 89 -2.41 9.09 25.16
N GLY B 90 -2.18 7.79 25.21
CA GLY B 90 -3.03 6.92 26.02
C GLY B 90 -4.02 6.11 25.22
N GLU B 91 -4.35 6.54 24.01
CA GLU B 91 -5.28 5.79 23.17
C GLU B 91 -4.74 4.44 22.75
N ARG B 92 -5.61 3.65 22.13
CA ARG B 92 -5.30 2.27 21.79
C ARG B 92 -5.79 2.01 20.36
N VAL B 93 -4.94 1.48 19.49
CA VAL B 93 -5.32 1.20 18.10
C VAL B 93 -5.15 -0.29 17.78
N PRO B 94 -6.10 -0.89 17.05
CA PRO B 94 -5.95 -2.32 16.79
C PRO B 94 -5.05 -2.67 15.61
N VAL B 95 -4.41 -3.84 15.66
CA VAL B 95 -3.83 -4.46 14.45
C VAL B 95 -4.67 -5.70 14.25
N SER B 96 -5.41 -5.73 13.14
CA SER B 96 -6.35 -6.84 12.88
C SER B 96 -5.59 -8.07 12.42
N GLN B 97 -6.26 -9.23 12.49
CA GLN B 97 -5.70 -10.51 12.12
C GLN B 97 -5.07 -10.49 10.76
N SER B 98 -5.75 -9.85 9.82
CA SER B 98 -5.27 -9.82 8.43
C SER B 98 -4.07 -8.91 8.19
N TYR B 99 -3.66 -8.14 9.19
CA TYR B 99 -2.51 -7.23 9.03
C TYR B 99 -1.38 -7.57 9.99
N ALA B 100 -1.63 -8.45 10.96
CA ALA B 100 -0.70 -8.73 12.06
C ALA B 100 0.66 -9.24 11.59
N SER B 101 0.64 -10.00 10.51
CA SER B 101 1.85 -10.61 9.98
C SER B 101 2.68 -9.56 9.24
N TYR B 102 2.04 -8.84 8.32
CA TYR B 102 2.65 -7.68 7.64
C TYR B 102 3.17 -6.66 8.63
N PHE B 103 2.37 -6.35 9.64
CA PHE B 103 2.75 -5.41 10.68
C PHE B 103 4.03 -5.80 11.36
N ARG B 104 4.13 -7.04 11.84
CA ARG B 104 5.34 -7.46 12.55
C ARG B 104 6.55 -7.67 11.64
N LYS B 105 6.32 -8.10 10.39
CA LYS B 105 7.43 -8.21 9.43
C LYS B 105 8.06 -6.85 9.25
N LEU B 106 7.23 -5.83 9.01
CA LEU B 106 7.73 -4.45 8.78
C LEU B 106 8.42 -3.81 10.00
N LEU B 107 7.86 -4.06 11.18
CA LEU B 107 8.45 -3.55 12.43
C LEU B 107 9.57 -4.42 12.99
N GLY B 108 9.75 -5.60 12.41
CA GLY B 108 10.87 -6.50 12.72
C GLY B 108 10.89 -7.22 14.05
N PHE B 109 9.73 -7.62 14.55
CA PHE B 109 9.66 -8.55 15.69
C PHE B 109 8.93 -9.84 15.24
N GLY B 110 9.27 -10.97 15.86
CA GLY B 110 8.98 -12.32 15.27
C GLY B 110 10.04 -13.33 15.54
#